data_7P1L
#
_entry.id   7P1L
#
_cell.length_a   50.989
_cell.length_b   95.733
_cell.length_c   68.579
_cell.angle_alpha   90.000
_cell.angle_beta   91.982
_cell.angle_gamma   90.000
#
_symmetry.space_group_name_H-M   'P 1 21 1'
#
loop_
_entity.id
_entity.type
_entity.pdbx_description
1 polymer 'MAP/microtubule affinity-regulating kinase 3'
2 non-polymer 5-Bromo-4-N-[2-(1H-imidazol-5-yl)ethyl]-2-N-[3-(morpholin-4-ylmethyl)phenyl]pyrimidine-2,4-diamine
3 non-polymer 1,2-ETHANEDIOL
4 water water
#
_entity_poly.entity_id   1
_entity_poly.type   'polypeptide(L)'
_entity_poly.pdbx_seq_one_letter_code
;DEQPHIGNYRLLKTIGKGNFAKVKLARHILTGREVAIKIIDKTQLNPTSLQKLFREVRIMKILNHPNIVKLFEVIETEKT
LYLIMEYASGGEVFDYLVAHGRMKEKEARSKFRQIVSAVQYCHQKRIVHRDLKAENLLLDADMNIKIADFGFSNEFTVGG
KLDTFCGSPPYAAPELFQGKKYDGPEVDVWSLGVILYTLVSGSLPFDGQNLKELRERVLRGKYRIPFYMSTDCENLLKRF
LVLNPIKRGTLEQIMKDRWINAGHEEDELKPFVEPELDISDQKRIDIMVGMGYSQEEIQESLSKMKYDEITATYLLLGRA
ENLYFQ
;
_entity_poly.pdbx_strand_id   A,B
#
loop_
_chem_comp.id
_chem_comp.type
_chem_comp.name
_chem_comp.formula
EDO non-polymer 1,2-ETHANEDIOL 'C2 H6 O2'
V5E non-polymer 5-Bromo-4-N-[2-(1H-imidazol-5-yl)ethyl]-2-N-[3-(morpholin-4-ylmethyl)phenyl]pyrimidine-2,4-diamine 'C20 H24 Br N7 O'
#
# COMPACT_ATOMS: atom_id res chain seq x y z
N GLN A 3 -2.69 6.17 22.78
CA GLN A 3 -3.24 5.00 22.08
C GLN A 3 -4.70 4.73 22.43
N PRO A 4 -5.64 5.48 21.84
CA PRO A 4 -7.05 5.25 22.18
C PRO A 4 -7.48 3.84 21.85
N HIS A 5 -8.20 3.24 22.78
CA HIS A 5 -8.83 1.95 22.61
C HIS A 5 -10.33 2.15 22.63
N ILE A 6 -11.03 1.24 21.96
CA ILE A 6 -12.45 1.01 22.24
C ILE A 6 -12.54 -0.49 22.48
N GLY A 7 -12.79 -0.88 23.74
CA GLY A 7 -12.84 -2.30 24.06
C GLY A 7 -11.54 -2.96 23.65
N ASN A 8 -11.66 -4.05 22.89
CA ASN A 8 -10.54 -4.81 22.38
C ASN A 8 -10.03 -4.30 21.02
N TYR A 9 -10.27 -3.02 20.73
CA TYR A 9 -9.89 -2.43 19.45
C TYR A 9 -9.01 -1.21 19.61
N ARG A 10 -7.96 -1.15 18.79
CA ARG A 10 -7.08 0.02 18.68
C ARG A 10 -7.56 0.92 17.55
N LEU A 11 -7.91 2.16 17.91
CA LEU A 11 -8.42 3.12 16.93
C LEU A 11 -7.29 3.71 16.09
N LEU A 12 -7.53 3.84 14.79
CA LEU A 12 -6.52 4.33 13.85
C LEU A 12 -6.85 5.69 13.27
N LYS A 13 -8.05 5.86 12.69
CA LYS A 13 -8.36 7.13 12.01
C LYS A 13 -9.87 7.19 11.73
N THR A 14 -10.38 8.41 11.57
CA THR A 14 -11.78 8.60 11.14
C THR A 14 -11.92 8.35 9.63
N ILE A 15 -12.98 7.65 9.22
CA ILE A 15 -13.26 7.47 7.80
C ILE A 15 -14.64 7.96 7.39
N GLY A 16 -15.50 8.35 8.32
CA GLY A 16 -16.81 8.88 7.95
C GLY A 16 -17.47 9.57 9.11
N LYS A 17 -18.33 10.54 8.79
CA LYS A 17 -19.06 11.28 9.79
C LYS A 17 -20.36 11.80 9.18
N GLY A 18 -21.40 11.84 10.00
CA GLY A 18 -22.62 12.55 9.63
C GLY A 18 -23.60 12.45 10.77
N ASN A 19 -24.57 13.37 10.75
CA ASN A 19 -25.66 13.44 11.74
C ASN A 19 -25.21 13.01 13.15
N PHE A 20 -25.69 11.87 13.64
CA PHE A 20 -25.38 11.42 15.00
C PHE A 20 -24.30 10.35 15.03
N ALA A 21 -23.67 10.04 13.89
CA ALA A 21 -22.72 8.94 13.81
C ALA A 21 -21.35 9.40 13.32
N LYS A 22 -20.32 8.67 13.77
CA LYS A 22 -18.96 8.81 13.29
C LYS A 22 -18.40 7.42 13.08
N VAL A 23 -17.66 7.20 12.00
CA VAL A 23 -17.07 5.89 11.73
C VAL A 23 -15.56 6.02 11.78
N LYS A 24 -14.91 5.12 12.53
CA LYS A 24 -13.45 5.04 12.63
C LYS A 24 -12.95 3.72 12.08
N LEU A 25 -11.79 3.75 11.44
CA LEU A 25 -11.03 2.53 11.22
C LEU A 25 -10.27 2.12 12.49
N ALA A 26 -10.28 0.82 12.78
CA ALA A 26 -9.61 0.30 13.96
C ALA A 26 -9.05 -1.07 13.63
N ARG A 27 -8.16 -1.53 14.51
CA ARG A 27 -7.57 -2.85 14.46
C ARG A 27 -7.95 -3.61 15.73
N HIS A 28 -8.49 -4.79 15.54
CA HIS A 28 -8.81 -5.70 16.62
C HIS A 28 -7.53 -6.18 17.27
N ILE A 29 -7.39 -5.92 18.58
CA ILE A 29 -6.12 -6.26 19.22
C ILE A 29 -5.92 -7.77 19.25
N LEU A 30 -7.01 -8.54 19.38
CA LEU A 30 -6.83 -9.98 19.57
C LEU A 30 -6.45 -10.70 18.30
N THR A 31 -6.90 -10.21 17.13
CA THR A 31 -6.62 -10.88 15.86
C THR A 31 -5.83 -10.02 14.88
N GLY A 32 -5.60 -8.74 15.18
CA GLY A 32 -5.00 -7.82 14.22
C GLY A 32 -5.89 -7.39 13.05
N ARG A 33 -7.16 -7.80 13.02
CA ARG A 33 -7.97 -7.53 11.81
C ARG A 33 -8.54 -6.11 11.81
N GLU A 34 -8.55 -5.48 10.62
CA GLU A 34 -9.15 -4.16 10.52
C GLU A 34 -10.67 -4.25 10.57
N VAL A 35 -11.28 -3.27 11.24
CA VAL A 35 -12.73 -3.20 11.37
C VAL A 35 -13.09 -1.72 11.26
N ALA A 36 -14.36 -1.46 11.01
CA ALA A 36 -14.94 -0.12 11.08
C ALA A 36 -15.81 -0.03 12.32
N ILE A 37 -15.69 1.06 13.07
CA ILE A 37 -16.42 1.20 14.33
C ILE A 37 -17.31 2.44 14.22
N LYS A 38 -18.62 2.24 14.23
CA LYS A 38 -19.53 3.36 14.27
C LYS A 38 -19.76 3.75 15.73
N ILE A 39 -19.58 5.04 16.03
CA ILE A 39 -19.68 5.59 17.37
C ILE A 39 -20.91 6.49 17.40
N ILE A 40 -21.83 6.23 18.35
CA ILE A 40 -23.06 6.99 18.51
C ILE A 40 -23.15 7.45 19.96
N ASP A 41 -23.10 8.75 20.18
CA ASP A 41 -23.17 9.33 21.52
C ASP A 41 -24.62 9.35 21.96
N LYS A 42 -24.97 8.49 22.93
CA LYS A 42 -26.37 8.36 23.36
C LYS A 42 -26.86 9.60 24.09
N THR A 43 -25.98 10.42 24.62
CA THR A 43 -26.39 11.71 25.16
C THR A 43 -26.82 12.69 24.07
N GLN A 44 -26.71 12.32 22.80
CA GLN A 44 -27.21 13.13 21.71
C GLN A 44 -28.63 12.78 21.28
N LEU A 45 -29.34 11.94 22.04
CA LEU A 45 -30.62 11.38 21.60
C LEU A 45 -31.70 11.49 22.67
N ASN A 46 -32.96 11.60 22.20
CA ASN A 46 -34.14 11.50 23.04
C ASN A 46 -34.45 10.04 23.34
N PRO A 47 -35.28 9.76 24.36
CA PRO A 47 -35.68 8.37 24.62
C PRO A 47 -36.38 7.72 23.42
N THR A 48 -37.07 8.50 22.60
CA THR A 48 -37.63 7.97 21.36
C THR A 48 -36.53 7.56 20.39
N SER A 49 -35.52 8.42 20.22
CA SER A 49 -34.43 8.10 19.31
C SER A 49 -33.63 6.90 19.81
N LEU A 50 -33.46 6.78 21.12
CA LEU A 50 -32.73 5.63 21.66
C LEU A 50 -33.50 4.33 21.48
N GLN A 51 -34.82 4.35 21.69
CA GLN A 51 -35.64 3.18 21.39
C GLN A 51 -35.56 2.84 19.91
N LYS A 52 -35.47 3.86 19.06
CA LYS A 52 -35.30 3.63 17.63
C LYS A 52 -33.97 2.94 17.35
N LEU A 53 -32.89 3.48 17.90
CA LEU A 53 -31.55 2.92 17.71
C LEU A 53 -31.50 1.44 18.05
N PHE A 54 -32.13 1.07 19.17
CA PHE A 54 -32.08 -0.32 19.64
C PHE A 54 -32.84 -1.25 18.70
N ARG A 55 -34.00 -0.81 18.21
CA ARG A 55 -34.75 -1.59 17.22
C ARG A 55 -33.92 -1.81 15.97
N GLU A 56 -33.20 -0.78 15.54
CA GLU A 56 -32.43 -0.90 14.31
C GLU A 56 -31.15 -1.72 14.49
N VAL A 57 -30.52 -1.65 15.67
CA VAL A 57 -29.43 -2.56 15.95
C VAL A 57 -29.91 -4.01 15.88
N ARG A 58 -31.10 -4.29 16.39
CA ARG A 58 -31.64 -5.66 16.36
C ARG A 58 -31.82 -6.14 14.93
N ILE A 59 -32.19 -5.25 14.02
CA ILE A 59 -32.35 -5.64 12.63
C ILE A 59 -30.99 -5.95 12.01
N MET A 60 -29.99 -5.09 12.26
CA MET A 60 -28.64 -5.32 11.81
C MET A 60 -28.13 -6.71 12.18
N LYS A 61 -28.52 -7.22 13.36
CA LYS A 61 -28.08 -8.55 13.79
C LYS A 61 -28.71 -9.67 12.97
N ILE A 62 -29.84 -9.45 12.30
CA ILE A 62 -30.43 -10.51 11.49
C ILE A 62 -29.99 -10.48 10.04
N LEU A 63 -29.22 -9.49 9.62
CA LEU A 63 -28.75 -9.39 8.24
C LEU A 63 -27.39 -10.04 8.12
N ASN A 64 -27.33 -11.17 7.43
CA ASN A 64 -26.12 -11.97 7.27
C ASN A 64 -26.00 -12.26 5.76
N HIS A 65 -25.28 -11.43 5.01
CA HIS A 65 -25.19 -11.55 3.55
C HIS A 65 -23.79 -11.13 3.12
N PRO A 66 -23.15 -11.86 2.20
CA PRO A 66 -21.75 -11.52 1.84
C PRO A 66 -21.56 -10.14 1.24
N ASN A 67 -22.62 -9.46 0.82
CA ASN A 67 -22.50 -8.14 0.25
C ASN A 67 -23.18 -7.08 1.09
N ILE A 68 -23.50 -7.40 2.34
CA ILE A 68 -23.99 -6.42 3.30
C ILE A 68 -22.95 -6.31 4.44
N VAL A 69 -22.56 -5.07 4.78
CA VAL A 69 -21.61 -4.81 5.86
C VAL A 69 -22.07 -5.51 7.13
N LYS A 70 -21.24 -6.42 7.65
CA LYS A 70 -21.65 -7.34 8.72
C LYS A 70 -21.28 -6.77 10.08
N LEU A 71 -22.19 -6.91 11.03
CA LEU A 71 -21.94 -6.54 12.42
C LEU A 71 -21.12 -7.61 13.12
N PHE A 72 -20.06 -7.20 13.80
CA PHE A 72 -19.20 -8.12 14.55
C PHE A 72 -19.46 -8.05 16.05
N GLU A 73 -19.63 -6.85 16.60
CA GLU A 73 -19.65 -6.69 18.05
C GLU A 73 -20.40 -5.42 18.39
N VAL A 74 -21.10 -5.46 19.51
CA VAL A 74 -21.76 -4.30 20.10
C VAL A 74 -21.10 -4.04 21.44
N ILE A 75 -20.65 -2.80 21.65
CA ILE A 75 -20.19 -2.34 22.95
C ILE A 75 -21.05 -1.16 23.35
N GLU A 76 -21.64 -1.22 24.54
CA GLU A 76 -22.48 -0.12 24.99
C GLU A 76 -22.12 0.27 26.39
N THR A 77 -21.76 1.54 26.57
CA THR A 77 -21.57 2.13 27.88
C THR A 77 -22.79 2.99 28.21
N GLU A 78 -22.75 3.63 29.39
CA GLU A 78 -23.86 4.50 29.75
C GLU A 78 -24.06 5.58 28.70
N LYS A 79 -22.96 6.10 28.13
CA LYS A 79 -23.01 7.28 27.28
C LYS A 79 -22.91 7.00 25.78
N THR A 80 -22.33 5.87 25.38
CA THR A 80 -21.99 5.64 23.98
C THR A 80 -22.36 4.23 23.55
N LEU A 81 -22.79 4.13 22.30
CA LEU A 81 -22.98 2.88 21.62
C LEU A 81 -21.92 2.76 20.53
N TYR A 82 -21.19 1.66 20.55
CA TYR A 82 -20.17 1.33 19.56
C TYR A 82 -20.62 0.12 18.75
N LEU A 83 -20.67 0.26 17.43
CA LEU A 83 -21.02 -0.84 16.54
C LEU A 83 -19.78 -1.22 15.73
N ILE A 84 -19.23 -2.40 16.00
CA ILE A 84 -18.02 -2.85 15.31
C ILE A 84 -18.45 -3.69 14.13
N MET A 85 -18.06 -3.28 12.92
CA MET A 85 -18.55 -3.95 11.73
C MET A 85 -17.43 -4.09 10.72
N GLU A 86 -17.78 -4.79 9.65
CA GLU A 86 -16.83 -5.11 8.60
C GLU A 86 -16.31 -3.81 7.97
N TYR A 87 -15.00 -3.78 7.71
CA TYR A 87 -14.34 -2.67 7.05
C TYR A 87 -14.14 -3.03 5.59
N ALA A 88 -14.53 -2.11 4.69
CA ALA A 88 -14.43 -2.27 3.24
C ALA A 88 -13.27 -1.40 2.75
N SER A 89 -12.09 -1.99 2.55
CA SER A 89 -10.90 -1.19 2.35
C SER A 89 -10.90 -0.42 1.04
N GLY A 90 -11.72 -0.85 0.05
CA GLY A 90 -11.78 -0.15 -1.21
C GLY A 90 -12.56 1.14 -1.23
N GLY A 91 -13.30 1.49 -0.19
CA GLY A 91 -14.04 2.74 -0.22
C GLY A 91 -15.30 2.67 -1.07
N GLU A 92 -15.77 3.85 -1.48
CA GLU A 92 -17.03 3.99 -2.20
C GLU A 92 -16.89 3.53 -3.64
N VAL A 93 -17.90 2.80 -4.10
CA VAL A 93 -17.98 2.48 -5.53
C VAL A 93 -17.93 3.74 -6.36
N PHE A 94 -18.71 4.75 -5.94
CA PHE A 94 -18.81 6.00 -6.70
C PHE A 94 -17.43 6.63 -6.92
N ASP A 95 -16.60 6.68 -5.87
CA ASP A 95 -15.26 7.23 -6.03
C ASP A 95 -14.39 6.37 -6.95
N TYR A 96 -14.59 5.05 -6.90
CA TYR A 96 -13.86 4.18 -7.82
C TYR A 96 -14.28 4.46 -9.27
N LEU A 97 -15.58 4.72 -9.49
CA LEU A 97 -16.00 5.01 -10.86
C LEU A 97 -15.45 6.34 -11.33
N VAL A 98 -15.48 7.35 -10.46
CA VAL A 98 -14.90 8.64 -10.81
C VAL A 98 -13.43 8.46 -11.18
N ALA A 99 -12.68 7.71 -10.38
CA ALA A 99 -11.26 7.55 -10.65
C ALA A 99 -11.02 6.77 -11.94
N HIS A 100 -11.76 5.68 -12.16
CA HIS A 100 -11.43 4.74 -13.22
C HIS A 100 -12.44 4.64 -14.36
N GLY A 101 -13.53 5.38 -14.31
CA GLY A 101 -14.49 5.35 -15.40
C GLY A 101 -15.43 4.17 -15.23
N ARG A 102 -16.33 4.03 -16.20
CA ARG A 102 -17.37 3.00 -16.14
C ARG A 102 -16.78 1.60 -15.97
N MET A 103 -17.51 0.71 -15.33
CA MET A 103 -17.19 -0.69 -15.53
C MET A 103 -17.75 -1.22 -16.85
N LYS A 104 -16.95 -2.05 -17.54
CA LYS A 104 -17.48 -2.76 -18.69
C LYS A 104 -18.61 -3.67 -18.22
N GLU A 105 -19.49 -4.04 -19.15
CA GLU A 105 -20.75 -4.65 -18.71
C GLU A 105 -20.50 -5.94 -17.94
N LYS A 106 -19.41 -6.66 -18.24
CA LYS A 106 -19.11 -7.89 -17.49
C LYS A 106 -18.81 -7.60 -16.02
N GLU A 107 -17.92 -6.66 -15.76
CA GLU A 107 -17.64 -6.28 -14.39
C GLU A 107 -18.87 -5.69 -13.73
N ALA A 108 -19.61 -4.87 -14.48
CA ALA A 108 -20.80 -4.22 -13.95
C ALA A 108 -21.86 -5.26 -13.59
N ARG A 109 -22.01 -6.27 -14.45
CA ARG A 109 -22.95 -7.35 -14.16
C ARG A 109 -22.58 -8.05 -12.87
N SER A 110 -21.30 -8.35 -12.66
CA SER A 110 -20.89 -9.08 -11.47
C SER A 110 -21.19 -8.27 -10.20
N LYS A 111 -20.87 -6.97 -10.19
CA LYS A 111 -21.21 -6.15 -9.03
C LYS A 111 -22.73 -5.96 -8.92
N PHE A 112 -23.42 -5.79 -10.05
CA PHE A 112 -24.85 -5.55 -9.90
C PHE A 112 -25.59 -6.81 -9.43
N ARG A 113 -25.08 -8.01 -9.75
CA ARG A 113 -25.70 -9.22 -9.22
C ARG A 113 -25.56 -9.28 -7.70
N GLN A 114 -24.39 -8.89 -7.18
CA GLN A 114 -24.20 -8.82 -5.73
C GLN A 114 -25.16 -7.84 -5.10
N ILE A 115 -25.33 -6.67 -5.71
CA ILE A 115 -26.21 -5.63 -5.15
C ILE A 115 -27.68 -6.09 -5.14
N VAL A 116 -28.17 -6.61 -6.28
CA VAL A 116 -29.56 -7.07 -6.33
C VAL A 116 -29.78 -8.19 -5.34
N SER A 117 -28.82 -9.10 -5.22
CA SER A 117 -28.93 -10.19 -4.22
C SER A 117 -29.07 -9.62 -2.81
N ALA A 118 -28.23 -8.65 -2.44
CA ALA A 118 -28.28 -8.09 -1.09
C ALA A 118 -29.62 -7.41 -0.82
N VAL A 119 -30.10 -6.61 -1.76
CA VAL A 119 -31.32 -5.86 -1.52
C VAL A 119 -32.52 -6.80 -1.49
N GLN A 120 -32.56 -7.79 -2.37
CA GLN A 120 -33.68 -8.73 -2.37
C GLN A 120 -33.72 -9.52 -1.07
N TYR A 121 -32.53 -9.93 -0.59
CA TYR A 121 -32.43 -10.69 0.65
C TYR A 121 -33.02 -9.89 1.81
N CYS A 122 -32.76 -8.58 1.85
CA CYS A 122 -33.34 -7.71 2.86
C CYS A 122 -34.83 -7.53 2.66
N HIS A 123 -35.26 -7.24 1.43
CA HIS A 123 -36.68 -7.08 1.17
C HIS A 123 -37.45 -8.32 1.59
N GLN A 124 -36.86 -9.49 1.36
CA GLN A 124 -37.46 -10.76 1.78
C GLN A 124 -37.76 -10.77 3.27
N LYS A 125 -36.90 -10.13 4.06
CA LYS A 125 -37.06 -10.00 5.49
C LYS A 125 -37.80 -8.73 5.87
N ARG A 126 -38.48 -8.09 4.91
CA ARG A 126 -39.29 -6.89 5.12
C ARG A 126 -38.47 -5.71 5.62
N ILE A 127 -37.20 -5.62 5.19
CA ILE A 127 -36.33 -4.47 5.47
C ILE A 127 -35.98 -3.75 4.17
N VAL A 128 -36.33 -2.47 4.12
CA VAL A 128 -36.08 -1.60 2.98
C VAL A 128 -34.99 -0.63 3.40
N HIS A 129 -34.03 -0.38 2.50
CA HIS A 129 -32.92 0.51 2.83
C HIS A 129 -33.40 1.95 2.93
N ARG A 130 -34.05 2.44 1.89
CA ARG A 130 -34.65 3.76 1.70
C ARG A 130 -33.61 4.81 1.33
N ASP A 131 -32.31 4.53 1.43
CA ASP A 131 -31.33 5.56 1.11
C ASP A 131 -30.10 4.94 0.46
N LEU A 132 -30.30 4.09 -0.54
CA LEU A 132 -29.14 3.58 -1.26
C LEU A 132 -28.52 4.73 -2.06
N LYS A 133 -27.20 4.91 -1.91
CA LYS A 133 -26.56 6.10 -2.47
C LYS A 133 -25.04 5.86 -2.58
N ALA A 134 -24.31 6.93 -2.90
CA ALA A 134 -22.87 6.79 -3.12
C ALA A 134 -22.14 6.37 -1.85
N GLU A 135 -22.51 6.94 -0.70
CA GLU A 135 -21.73 6.75 0.53
C GLU A 135 -21.87 5.37 1.13
N ASN A 136 -22.90 4.59 0.79
CA ASN A 136 -23.04 3.28 1.41
C ASN A 136 -22.92 2.10 0.45
N LEU A 137 -22.45 2.32 -0.79
CA LEU A 137 -22.10 1.21 -1.69
C LEU A 137 -20.56 1.19 -1.72
N LEU A 138 -19.98 0.22 -1.04
CA LEU A 138 -18.55 0.18 -0.75
C LEU A 138 -17.95 -1.04 -1.41
N LEU A 139 -16.62 -1.09 -1.41
CA LEU A 139 -15.86 -2.14 -2.04
C LEU A 139 -14.86 -2.66 -1.04
N ASP A 140 -14.73 -3.99 -0.96
CA ASP A 140 -13.69 -4.55 -0.11
C ASP A 140 -12.42 -4.74 -0.91
N ALA A 141 -11.41 -5.37 -0.29
CA ALA A 141 -10.10 -5.51 -0.90
C ALA A 141 -10.13 -6.34 -2.18
N ASP A 142 -11.13 -7.20 -2.34
CA ASP A 142 -11.29 -8.03 -3.53
C ASP A 142 -12.30 -7.46 -4.52
N MET A 143 -12.67 -6.18 -4.37
CA MET A 143 -13.67 -5.50 -5.20
C MET A 143 -15.07 -6.11 -5.10
N ASN A 144 -15.39 -6.75 -3.97
CA ASN A 144 -16.76 -7.15 -3.72
C ASN A 144 -17.55 -6.00 -3.10
N ILE A 145 -18.82 -5.90 -3.50
CA ILE A 145 -19.71 -4.89 -2.97
C ILE A 145 -20.01 -5.19 -1.50
N LYS A 146 -19.99 -4.15 -0.70
CA LYS A 146 -20.47 -4.18 0.68
C LYS A 146 -21.38 -2.98 0.86
N ILE A 147 -22.66 -3.23 1.14
CA ILE A 147 -23.62 -2.16 1.30
C ILE A 147 -23.72 -1.88 2.78
N ALA A 148 -23.60 -0.62 3.17
CA ALA A 148 -23.77 -0.23 4.55
C ALA A 148 -25.16 0.37 4.80
N ASP A 149 -25.54 0.33 6.08
CA ASP A 149 -26.66 1.02 6.71
C ASP A 149 -28.05 0.46 6.46
N PHE A 150 -28.16 -0.76 5.95
CA PHE A 150 -29.47 -1.42 5.84
C PHE A 150 -30.19 -1.45 7.18
N GLY A 151 -31.42 -0.98 7.19
CA GLY A 151 -32.20 -1.04 8.42
C GLY A 151 -31.97 0.13 9.35
N PHE A 152 -31.14 1.10 8.99
CA PHE A 152 -30.84 2.22 9.86
C PHE A 152 -31.53 3.48 9.35
N SER A 153 -32.22 4.18 10.25
CA SER A 153 -32.77 5.50 9.96
C SER A 153 -31.65 6.49 9.64
N ASN A 154 -32.02 7.58 8.97
CA ASN A 154 -31.03 8.53 8.47
C ASN A 154 -30.19 9.16 9.58
N GLU A 155 -30.80 9.46 10.74
CA GLU A 155 -30.08 10.15 11.80
C GLU A 155 -28.94 9.33 12.40
N PHE A 156 -28.77 8.07 12.02
CA PHE A 156 -27.70 7.22 12.54
C PHE A 156 -26.68 6.84 11.47
N THR A 157 -26.62 7.59 10.38
CA THR A 157 -25.80 7.25 9.24
C THR A 157 -24.89 8.42 8.88
N VAL A 158 -23.81 8.12 8.17
CA VAL A 158 -22.82 9.17 7.83
C VAL A 158 -23.08 9.75 6.44
N SER A 168 -30.15 11.26 -0.39
CA SER A 168 -29.31 11.75 -1.50
C SER A 168 -30.12 12.02 -2.75
N PRO A 169 -30.23 13.29 -3.11
CA PRO A 169 -31.10 13.71 -4.22
C PRO A 169 -30.85 12.96 -5.53
N PRO A 170 -29.59 12.71 -5.95
CA PRO A 170 -29.41 12.00 -7.24
C PRO A 170 -30.00 10.59 -7.26
N TYR A 171 -30.13 9.93 -6.09
CA TYR A 171 -30.57 8.55 -5.98
C TYR A 171 -32.03 8.40 -5.55
N ALA A 172 -32.66 9.46 -5.07
CA ALA A 172 -33.94 9.32 -4.38
C ALA A 172 -35.08 9.19 -5.38
N ALA A 173 -36.02 8.27 -5.09
CA ALA A 173 -37.16 8.06 -6.00
C ALA A 173 -37.97 9.35 -6.12
N PRO A 174 -38.60 9.59 -7.29
CA PRO A 174 -39.37 10.85 -7.43
C PRO A 174 -40.41 11.09 -6.33
N GLU A 175 -41.15 10.06 -5.90
CA GLU A 175 -42.19 10.19 -4.88
C GLU A 175 -41.64 10.64 -3.53
N LEU A 176 -40.32 10.71 -3.38
CA LEU A 176 -39.70 11.28 -2.19
C LEU A 176 -39.42 12.76 -2.48
N ASP A 183 -41.64 4.39 1.57
CA ASP A 183 -41.13 3.55 2.67
C ASP A 183 -41.18 2.06 2.31
N GLY A 184 -41.70 1.73 1.13
CA GLY A 184 -41.71 0.36 0.65
C GLY A 184 -40.57 0.05 -0.31
N PRO A 185 -40.44 -1.22 -0.70
CA PRO A 185 -39.29 -1.63 -1.52
C PRO A 185 -39.21 -0.93 -2.86
N GLU A 186 -40.31 -0.36 -3.36
CA GLU A 186 -40.26 0.34 -4.65
C GLU A 186 -39.26 1.48 -4.62
N VAL A 187 -39.09 2.09 -3.45
CA VAL A 187 -38.11 3.17 -3.26
C VAL A 187 -36.70 2.68 -3.55
N ASP A 188 -36.36 1.48 -3.06
CA ASP A 188 -35.04 0.89 -3.34
C ASP A 188 -34.88 0.54 -4.81
N VAL A 189 -35.97 0.06 -5.44
CA VAL A 189 -35.88 -0.33 -6.83
C VAL A 189 -35.50 0.86 -7.71
N TRP A 190 -36.11 2.03 -7.48
CA TRP A 190 -35.66 3.22 -8.21
C TRP A 190 -34.16 3.45 -7.98
N SER A 191 -33.72 3.52 -6.73
CA SER A 191 -32.31 3.77 -6.45
C SER A 191 -31.41 2.77 -7.15
N LEU A 192 -31.83 1.51 -7.19
CA LEU A 192 -31.04 0.48 -7.88
C LEU A 192 -30.87 0.79 -9.35
N GLY A 193 -31.88 1.39 -9.98
CA GLY A 193 -31.72 1.81 -11.36
C GLY A 193 -30.71 2.93 -11.51
N VAL A 194 -30.72 3.88 -10.57
CA VAL A 194 -29.69 4.92 -10.60
C VAL A 194 -28.32 4.29 -10.45
N ILE A 195 -28.19 3.37 -9.50
CA ILE A 195 -26.92 2.70 -9.25
C ILE A 195 -26.46 1.96 -10.49
N LEU A 196 -27.37 1.20 -11.11
CA LEU A 196 -26.98 0.47 -12.32
C LEU A 196 -26.45 1.44 -13.38
N TYR A 197 -27.14 2.56 -13.57
CA TYR A 197 -26.69 3.53 -14.56
C TYR A 197 -25.28 4.06 -14.24
N THR A 198 -24.99 4.32 -12.95
CA THR A 198 -23.62 4.78 -12.61
C THR A 198 -22.60 3.70 -12.92
N LEU A 199 -22.92 2.43 -12.65
CA LEU A 199 -21.91 1.38 -12.85
C LEU A 199 -21.53 1.24 -14.33
N VAL A 200 -22.52 1.28 -15.22
CA VAL A 200 -22.29 1.00 -16.64
C VAL A 200 -21.85 2.25 -17.40
N SER A 201 -22.18 3.44 -16.88
CA SER A 201 -21.86 4.69 -17.56
C SER A 201 -20.73 5.48 -16.89
N GLY A 202 -20.50 5.28 -15.61
CA GLY A 202 -19.59 6.13 -14.86
C GLY A 202 -20.14 7.48 -14.50
N SER A 203 -21.43 7.73 -14.75
CA SER A 203 -22.03 9.02 -14.47
C SER A 203 -23.43 8.81 -13.88
N LEU A 204 -24.00 9.89 -13.29
CA LEU A 204 -25.36 9.81 -12.76
C LEU A 204 -26.38 10.03 -13.88
N PRO A 205 -27.54 9.35 -13.84
CA PRO A 205 -28.54 9.56 -14.91
C PRO A 205 -29.23 10.91 -14.86
N PHE A 206 -29.40 11.50 -13.66
CA PHE A 206 -30.10 12.77 -13.46
C PHE A 206 -29.20 13.72 -12.69
N ASP A 207 -28.98 14.91 -13.23
CA ASP A 207 -28.10 15.90 -12.62
C ASP A 207 -28.63 17.26 -13.02
N GLY A 208 -28.02 18.31 -12.48
CA GLY A 208 -28.48 19.65 -12.76
C GLY A 208 -27.42 20.63 -12.32
N GLN A 209 -27.63 21.89 -12.71
CA GLN A 209 -26.76 22.96 -12.26
C GLN A 209 -27.02 23.34 -10.80
N ASN A 210 -28.18 22.97 -10.26
CA ASN A 210 -28.53 23.16 -8.85
C ASN A 210 -29.56 22.08 -8.48
N LEU A 211 -29.89 22.01 -7.18
CA LEU A 211 -30.83 20.98 -6.74
C LEU A 211 -32.21 21.16 -7.35
N LYS A 212 -32.63 22.39 -7.60
CA LYS A 212 -33.92 22.61 -8.26
C LYS A 212 -33.94 21.99 -9.64
N GLU A 213 -32.85 22.17 -10.41
CA GLU A 213 -32.83 21.57 -11.73
C GLU A 213 -32.68 20.06 -11.65
N LEU A 214 -31.89 19.56 -10.69
CA LEU A 214 -31.79 18.13 -10.49
C LEU A 214 -33.15 17.51 -10.21
N ARG A 215 -33.90 18.10 -9.27
CA ARG A 215 -35.23 17.62 -8.94
C ARG A 215 -36.11 17.55 -10.18
N GLU A 216 -36.11 18.62 -10.99
CA GLU A 216 -36.95 18.63 -12.20
C GLU A 216 -36.57 17.50 -13.15
N ARG A 217 -35.27 17.21 -13.30
CA ARG A 217 -34.89 16.12 -14.20
C ARG A 217 -35.38 14.77 -13.68
N VAL A 218 -35.25 14.54 -12.37
CA VAL A 218 -35.74 13.29 -11.80
C VAL A 218 -37.23 13.13 -12.11
N LEU A 219 -38.02 14.18 -11.83
CA LEU A 219 -39.47 14.07 -12.03
C LEU A 219 -39.82 13.90 -13.50
N ARG A 220 -38.99 14.41 -14.42
CA ARG A 220 -39.25 14.16 -15.82
C ARG A 220 -38.86 12.73 -16.22
N GLY A 221 -37.91 12.12 -15.53
CA GLY A 221 -37.61 10.72 -15.73
C GLY A 221 -36.79 10.37 -16.97
N LYS A 222 -36.24 11.34 -17.69
CA LYS A 222 -35.54 11.07 -18.94
C LYS A 222 -34.03 11.07 -18.67
N TYR A 223 -33.36 10.08 -19.23
CA TYR A 223 -31.92 9.94 -19.04
C TYR A 223 -31.33 9.44 -20.35
N ARG A 224 -30.04 9.70 -20.57
CA ARG A 224 -29.44 9.46 -21.88
C ARG A 224 -28.83 8.06 -22.00
N ILE A 225 -29.09 7.41 -23.13
CA ILE A 225 -28.52 6.10 -23.42
C ILE A 225 -27.31 6.31 -24.35
N PRO A 226 -26.07 6.18 -23.87
CA PRO A 226 -24.89 6.41 -24.73
C PRO A 226 -24.64 5.27 -25.71
N PHE A 227 -23.81 5.57 -26.72
CA PHE A 227 -23.60 4.65 -27.84
C PHE A 227 -23.14 3.26 -27.41
N TYR A 228 -22.47 3.17 -26.25
CA TYR A 228 -21.83 1.93 -25.85
C TYR A 228 -22.72 1.02 -25.01
N MET A 229 -23.89 1.51 -24.58
CA MET A 229 -24.83 0.71 -23.80
C MET A 229 -25.73 -0.15 -24.68
N SER A 230 -25.80 -1.44 -24.36
CA SER A 230 -26.55 -2.41 -25.14
C SER A 230 -28.05 -2.20 -25.00
N THR A 231 -28.79 -2.76 -25.97
CA THR A 231 -30.24 -2.82 -25.85
C THR A 231 -30.64 -3.55 -24.57
N ASP A 232 -29.98 -4.66 -24.28
CA ASP A 232 -30.36 -5.42 -23.08
C ASP A 232 -30.13 -4.60 -21.81
N CYS A 233 -29.04 -3.84 -21.77
CA CYS A 233 -28.82 -2.97 -20.61
C CYS A 233 -29.87 -1.87 -20.54
N GLU A 234 -30.19 -1.24 -21.68
CA GLU A 234 -31.22 -0.20 -21.68
C GLU A 234 -32.57 -0.77 -21.25
N ASN A 235 -32.90 -1.98 -21.70
CA ASN A 235 -34.15 -2.64 -21.31
C ASN A 235 -34.20 -2.90 -19.82
N LEU A 236 -33.08 -3.34 -19.23
CA LEU A 236 -33.04 -3.58 -17.79
C LEU A 236 -33.31 -2.28 -17.03
N LEU A 237 -32.68 -1.18 -17.46
CA LEU A 237 -32.84 0.09 -16.76
C LEU A 237 -34.30 0.50 -16.70
N LYS A 238 -35.07 0.18 -17.75
CA LYS A 238 -36.48 0.51 -17.80
C LYS A 238 -37.30 -0.21 -16.74
N ARG A 239 -36.82 -1.33 -16.21
CA ARG A 239 -37.55 -2.00 -15.15
C ARG A 239 -37.45 -1.29 -13.81
N PHE A 240 -36.41 -0.49 -13.61
CA PHE A 240 -36.16 0.25 -12.39
C PHE A 240 -36.65 1.69 -12.44
N LEU A 241 -36.30 2.39 -13.52
CA LEU A 241 -36.45 3.85 -13.57
C LEU A 241 -37.79 4.19 -14.18
N VAL A 242 -38.85 3.82 -13.45
CA VAL A 242 -40.25 4.09 -13.79
C VAL A 242 -40.80 5.11 -12.81
N LEU A 243 -41.47 6.14 -13.33
CA LEU A 243 -41.99 7.19 -12.46
C LEU A 243 -43.07 6.66 -11.53
N ASN A 244 -44.00 5.88 -12.05
CA ASN A 244 -45.02 5.21 -11.24
C ASN A 244 -44.48 4.05 -10.42
N PRO A 245 -44.46 4.10 -9.08
CA PRO A 245 -43.81 3.04 -8.31
C PRO A 245 -44.45 1.67 -8.47
N ILE A 246 -45.75 1.62 -8.79
CA ILE A 246 -46.43 0.33 -8.96
C ILE A 246 -45.99 -0.37 -10.24
N LYS A 247 -45.52 0.39 -11.24
CA LYS A 247 -45.09 -0.21 -12.49
C LYS A 247 -43.60 -0.54 -12.49
N ARG A 248 -42.93 -0.32 -11.36
CA ARG A 248 -41.54 -0.75 -11.24
C ARG A 248 -41.50 -2.26 -11.08
N GLY A 249 -40.51 -2.89 -11.71
CA GLY A 249 -40.34 -4.32 -11.50
C GLY A 249 -40.07 -4.66 -10.04
N THR A 250 -40.40 -5.90 -9.68
CA THR A 250 -40.01 -6.46 -8.39
C THR A 250 -38.61 -7.05 -8.53
N LEU A 251 -37.88 -7.12 -7.40
CA LEU A 251 -36.52 -7.66 -7.43
C LEU A 251 -36.50 -9.14 -7.73
N GLU A 252 -37.48 -9.88 -7.21
CA GLU A 252 -37.59 -11.29 -7.60
C GLU A 252 -37.85 -11.42 -9.10
N GLN A 253 -38.57 -10.45 -9.67
CA GLN A 253 -38.78 -10.43 -11.12
C GLN A 253 -37.54 -9.97 -11.88
N ILE A 254 -36.87 -8.91 -11.41
CA ILE A 254 -35.69 -8.40 -12.11
C ILE A 254 -34.59 -9.46 -12.10
N MET A 255 -34.60 -10.37 -11.12
CA MET A 255 -33.59 -11.43 -11.03
C MET A 255 -33.56 -12.35 -12.25
N LYS A 256 -34.65 -12.44 -13.03
CA LYS A 256 -34.69 -13.28 -14.22
C LYS A 256 -34.35 -12.52 -15.50
N ASP A 257 -33.99 -11.25 -15.40
CA ASP A 257 -33.74 -10.41 -16.56
C ASP A 257 -32.58 -10.96 -17.40
N ARG A 258 -32.69 -10.75 -18.71
CA ARG A 258 -31.73 -11.27 -19.66
C ARG A 258 -30.31 -10.71 -19.42
N TRP A 259 -30.18 -9.38 -19.33
CA TRP A 259 -28.88 -8.79 -19.06
C TRP A 259 -28.26 -9.32 -17.78
N ILE A 260 -29.07 -9.45 -16.71
CA ILE A 260 -28.59 -9.86 -15.39
C ILE A 260 -27.91 -11.23 -15.44
N ASN A 261 -28.43 -12.11 -16.29
CA ASN A 261 -28.01 -13.52 -16.33
C ASN A 261 -27.20 -13.87 -17.57
N ALA A 262 -26.81 -12.89 -18.37
CA ALA A 262 -25.97 -13.17 -19.53
C ALA A 262 -24.64 -13.77 -19.04
N GLY A 263 -24.25 -14.90 -19.63
CA GLY A 263 -23.07 -15.60 -19.16
C GLY A 263 -23.28 -16.37 -17.87
N HIS A 264 -24.52 -16.42 -17.38
CA HIS A 264 -24.89 -17.19 -16.20
C HIS A 264 -26.03 -18.12 -16.53
N GLU A 265 -25.95 -18.72 -17.71
CA GLU A 265 -27.07 -19.49 -18.25
C GLU A 265 -27.42 -20.66 -17.34
N GLU A 266 -26.43 -21.29 -16.72
CA GLU A 266 -26.68 -22.35 -15.76
C GLU A 266 -26.74 -21.85 -14.33
N ASP A 267 -26.77 -20.53 -14.13
CA ASP A 267 -26.53 -19.94 -12.82
C ASP A 267 -27.42 -18.71 -12.61
N GLU A 268 -28.73 -18.88 -12.85
CA GLU A 268 -29.67 -17.77 -12.72
C GLU A 268 -29.59 -17.14 -11.33
N LEU A 269 -29.60 -15.81 -11.29
CA LEU A 269 -29.66 -15.13 -10.01
C LEU A 269 -30.94 -15.52 -9.29
N LYS A 270 -30.81 -15.95 -8.04
CA LYS A 270 -31.92 -16.46 -7.24
C LYS A 270 -31.83 -15.85 -5.85
N PRO A 271 -32.94 -15.78 -5.11
CA PRO A 271 -32.88 -15.26 -3.73
C PRO A 271 -31.86 -15.98 -2.87
N PHE A 272 -31.01 -15.17 -2.21
CA PHE A 272 -29.94 -15.68 -1.37
C PHE A 272 -30.49 -16.43 -0.16
N VAL A 273 -29.78 -17.47 0.24
CA VAL A 273 -30.11 -18.28 1.41
C VAL A 273 -28.89 -18.29 2.31
N GLU A 274 -29.07 -17.84 3.55
CA GLU A 274 -27.97 -17.77 4.51
C GLU A 274 -27.38 -19.17 4.73
N PRO A 275 -26.07 -19.28 4.85
CA PRO A 275 -25.49 -20.57 5.26
C PRO A 275 -25.83 -20.85 6.71
N GLU A 276 -25.72 -22.13 7.09
CA GLU A 276 -25.78 -22.47 8.51
C GLU A 276 -24.47 -22.03 9.17
N LEU A 277 -24.56 -21.33 10.31
CA LEU A 277 -23.36 -20.81 10.94
C LEU A 277 -22.66 -21.93 11.69
N ASP A 278 -21.40 -22.18 11.34
CA ASP A 278 -20.58 -23.12 12.08
C ASP A 278 -20.02 -22.41 13.31
N ILE A 279 -20.57 -22.73 14.47
CA ILE A 279 -20.09 -22.21 15.74
C ILE A 279 -19.28 -23.27 16.50
N SER A 280 -18.79 -24.29 15.79
CA SER A 280 -18.16 -25.46 16.40
C SER A 280 -16.72 -25.66 15.96
N ASP A 281 -16.09 -24.66 15.33
CA ASP A 281 -14.71 -24.80 14.85
C ASP A 281 -13.77 -24.88 16.05
N GLN A 282 -13.23 -26.08 16.29
CA GLN A 282 -12.44 -26.32 17.49
C GLN A 282 -11.08 -25.61 17.44
N LYS A 283 -10.51 -25.42 16.25
CA LYS A 283 -9.29 -24.63 16.15
C LYS A 283 -9.49 -23.20 16.65
N ARG A 284 -10.57 -22.55 16.24
CA ARG A 284 -10.79 -21.19 16.69
C ARG A 284 -11.18 -21.16 18.16
N ILE A 285 -11.95 -22.15 18.62
CA ILE A 285 -12.28 -22.20 20.03
C ILE A 285 -11.02 -22.41 20.87
N ASP A 286 -10.11 -23.28 20.43
CA ASP A 286 -8.84 -23.49 21.14
C ASP A 286 -8.01 -22.20 21.18
N ILE A 287 -7.99 -21.47 20.07
CA ILE A 287 -7.26 -20.19 20.06
C ILE A 287 -7.83 -19.25 21.12
N MET A 288 -9.16 -19.19 21.22
CA MET A 288 -9.79 -18.25 22.13
C MET A 288 -9.61 -18.68 23.60
N VAL A 289 -9.52 -19.98 23.87
CA VAL A 289 -9.10 -20.43 25.21
C VAL A 289 -7.68 -19.94 25.49
N GLY A 290 -6.81 -19.98 24.48
CA GLY A 290 -5.48 -19.45 24.63
C GLY A 290 -5.45 -17.96 24.95
N MET A 291 -6.42 -17.22 24.44
CA MET A 291 -6.53 -15.79 24.70
C MET A 291 -7.01 -15.49 26.12
N GLY A 292 -7.48 -16.50 26.86
CA GLY A 292 -7.89 -16.29 28.24
C GLY A 292 -9.38 -16.46 28.49
N TYR A 293 -10.17 -16.76 27.46
CA TYR A 293 -11.59 -17.02 27.64
C TYR A 293 -11.79 -18.44 28.12
N SER A 294 -12.79 -18.63 28.96
CA SER A 294 -13.10 -19.99 29.38
C SER A 294 -13.97 -20.70 28.34
N GLN A 295 -13.83 -22.02 28.29
CA GLN A 295 -14.67 -22.86 27.42
C GLN A 295 -16.15 -22.55 27.59
N GLU A 296 -16.58 -22.25 28.82
CA GLU A 296 -18.01 -22.10 29.08
C GLU A 296 -18.53 -20.76 28.57
N GLU A 297 -17.75 -19.68 28.75
CA GLU A 297 -18.21 -18.42 28.19
C GLU A 297 -18.13 -18.44 26.67
N ILE A 298 -17.17 -19.18 26.12
CA ILE A 298 -17.09 -19.35 24.66
C ILE A 298 -18.34 -20.04 24.14
N GLN A 299 -18.68 -21.18 24.76
CA GLN A 299 -19.86 -21.94 24.33
C GLN A 299 -21.13 -21.12 24.47
N GLU A 300 -21.29 -20.38 25.55
CA GLU A 300 -22.52 -19.61 25.72
C GLU A 300 -22.60 -18.47 24.70
N SER A 301 -21.51 -17.71 24.52
CA SER A 301 -21.53 -16.59 23.58
C SER A 301 -21.84 -17.05 22.16
N LEU A 302 -21.22 -18.15 21.72
CA LEU A 302 -21.45 -18.63 20.36
C LEU A 302 -22.87 -19.15 20.18
N SER A 303 -23.33 -20.00 21.09
CA SER A 303 -24.66 -20.60 20.97
C SER A 303 -25.75 -19.53 21.06
N LYS A 304 -25.60 -18.54 21.93
CA LYS A 304 -26.58 -17.44 21.97
C LYS A 304 -26.36 -16.39 20.88
N MET A 305 -25.28 -16.51 20.10
CA MET A 305 -24.92 -15.53 19.06
C MET A 305 -25.03 -14.09 19.58
N LYS A 306 -24.20 -13.79 20.59
CA LYS A 306 -24.34 -12.59 21.41
C LYS A 306 -23.76 -11.30 20.81
N TYR A 307 -23.04 -11.35 19.71
CA TYR A 307 -22.34 -10.18 19.17
C TYR A 307 -21.55 -9.48 20.28
N ASP A 308 -20.69 -10.27 20.93
CA ASP A 308 -19.88 -9.79 22.05
C ASP A 308 -18.41 -10.02 21.70
N GLU A 309 -17.51 -9.78 22.68
CA GLU A 309 -16.09 -9.84 22.37
C GLU A 309 -15.66 -11.20 21.88
N ILE A 310 -16.39 -12.26 22.27
CA ILE A 310 -16.04 -13.62 21.87
C ILE A 310 -16.54 -13.94 20.49
N THR A 311 -17.81 -13.63 20.18
CA THR A 311 -18.33 -13.96 18.86
C THR A 311 -17.60 -13.15 17.78
N ALA A 312 -17.26 -11.90 18.07
CA ALA A 312 -16.45 -11.08 17.16
C ALA A 312 -15.10 -11.74 16.87
N THR A 313 -14.41 -12.17 17.92
CA THR A 313 -13.11 -12.85 17.73
C THR A 313 -13.26 -14.11 16.91
N TYR A 314 -14.25 -14.95 17.22
CA TYR A 314 -14.51 -16.15 16.44
C TYR A 314 -14.64 -15.84 14.95
N LEU A 315 -15.50 -14.87 14.62
CA LEU A 315 -15.68 -14.48 13.23
C LEU A 315 -14.40 -13.90 12.64
N LEU A 316 -13.74 -13.00 13.37
CA LEU A 316 -12.51 -12.42 12.85
C LEU A 316 -11.40 -13.45 12.73
N LEU A 317 -11.44 -14.53 13.53
CA LEU A 317 -10.46 -15.61 13.35
C LEU A 317 -10.68 -16.40 12.06
N GLY A 318 -11.86 -16.34 11.46
CA GLY A 318 -12.15 -17.10 10.25
C GLY A 318 -11.90 -16.39 8.93
N GLN B 3 49.87 -9.72 1.95
CA GLN B 3 49.14 -8.53 1.55
C GLN B 3 49.74 -7.91 0.29
N PRO B 4 49.41 -8.53 -0.84
CA PRO B 4 49.86 -8.03 -2.14
C PRO B 4 49.37 -6.62 -2.40
N HIS B 5 50.08 -5.92 -3.28
CA HIS B 5 49.71 -4.60 -3.74
C HIS B 5 48.99 -4.70 -5.09
N ILE B 6 48.08 -3.77 -5.32
CA ILE B 6 47.61 -3.46 -6.67
C ILE B 6 47.62 -1.95 -6.79
N GLY B 7 48.35 -1.43 -7.76
CA GLY B 7 48.63 -0.01 -7.76
C GLY B 7 49.06 0.47 -6.39
N ASN B 8 48.41 1.52 -5.91
CA ASN B 8 48.79 2.14 -4.65
C ASN B 8 48.03 1.58 -3.45
N TYR B 9 47.54 0.35 -3.54
CA TYR B 9 46.70 -0.24 -2.51
C TYR B 9 47.26 -1.56 -2.03
N ARG B 10 47.18 -1.74 -0.71
CA ARG B 10 47.48 -2.98 -0.03
C ARG B 10 46.17 -3.77 0.13
N LEU B 11 46.10 -4.96 -0.48
CA LEU B 11 44.90 -5.81 -0.34
C LEU B 11 44.91 -6.52 1.01
N LEU B 12 43.77 -6.50 1.70
CA LEU B 12 43.73 -7.00 3.08
C LEU B 12 42.93 -8.29 3.25
N LYS B 13 41.67 -8.31 2.81
CA LYS B 13 40.81 -9.47 3.03
C LYS B 13 39.52 -9.30 2.22
N THR B 14 38.93 -10.43 1.87
CA THR B 14 37.69 -10.44 1.11
C THR B 14 36.52 -10.12 2.04
N ILE B 15 35.62 -9.23 1.60
CA ILE B 15 34.42 -8.86 2.33
C ILE B 15 33.14 -9.18 1.59
N GLY B 16 33.25 -9.68 0.34
CA GLY B 16 32.10 -10.13 -0.42
C GLY B 16 32.54 -10.92 -1.64
N LYS B 17 31.70 -11.84 -2.11
CA LYS B 17 32.06 -12.67 -3.26
C LYS B 17 30.79 -12.95 -4.03
N GLY B 18 30.93 -13.00 -5.34
CA GLY B 18 29.84 -13.27 -6.25
C GLY B 18 30.39 -14.06 -7.41
N ASN B 19 29.46 -14.55 -8.25
CA ASN B 19 29.81 -15.31 -9.43
C ASN B 19 31.06 -14.78 -10.15
N PHE B 20 31.03 -13.54 -10.63
CA PHE B 20 32.16 -12.99 -11.40
C PHE B 20 32.91 -11.84 -10.73
N ALA B 21 32.50 -11.42 -9.53
CA ALA B 21 33.13 -10.31 -8.85
C ALA B 21 33.45 -10.70 -7.41
N LYS B 22 34.54 -10.15 -6.89
CA LYS B 22 34.80 -10.25 -5.47
C LYS B 22 35.28 -8.89 -4.98
N VAL B 23 34.90 -8.57 -3.74
CA VAL B 23 35.25 -7.29 -3.15
C VAL B 23 36.20 -7.51 -1.99
N LYS B 24 37.31 -6.78 -1.99
CA LYS B 24 38.28 -6.84 -0.92
C LYS B 24 38.34 -5.50 -0.22
N LEU B 25 38.52 -5.57 1.08
CA LEU B 25 39.00 -4.44 1.85
C LEU B 25 40.48 -4.24 1.51
N ALA B 26 40.88 -2.98 1.35
CA ALA B 26 42.26 -2.62 1.06
C ALA B 26 42.58 -1.32 1.78
N ARG B 27 43.88 -1.03 1.88
CA ARG B 27 44.36 0.22 2.43
C ARG B 27 45.16 0.97 1.35
N HIS B 28 44.80 2.21 1.11
CA HIS B 28 45.55 3.09 0.19
C HIS B 28 46.89 3.43 0.86
N ILE B 29 48.00 3.09 0.21
CA ILE B 29 49.31 3.28 0.86
C ILE B 29 49.64 4.76 1.02
N LEU B 30 49.16 5.62 0.10
CA LEU B 30 49.58 7.01 0.11
C LEU B 30 48.93 7.81 1.22
N THR B 31 47.70 7.43 1.60
CA THR B 31 46.93 8.13 2.63
C THR B 31 46.62 7.27 3.84
N GLY B 32 46.89 5.97 3.81
CA GLY B 32 46.44 5.08 4.88
C GLY B 32 44.95 4.79 4.90
N ARG B 33 44.15 5.28 3.94
CA ARG B 33 42.69 5.13 4.03
C ARG B 33 42.18 3.77 3.54
N GLU B 34 41.20 3.22 4.27
CA GLU B 34 40.54 2.00 3.85
C GLU B 34 39.61 2.30 2.70
N VAL B 35 39.54 1.38 1.74
CA VAL B 35 38.70 1.43 0.54
C VAL B 35 38.19 0.01 0.28
N ALA B 36 37.18 -0.08 -0.58
CA ALA B 36 36.69 -1.36 -1.07
C ALA B 36 37.15 -1.53 -2.51
N ILE B 37 37.69 -2.71 -2.85
CA ILE B 37 38.18 -2.93 -4.21
C ILE B 37 37.39 -4.11 -4.81
N LYS B 38 36.62 -3.82 -5.85
CA LYS B 38 35.94 -4.88 -6.59
C LYS B 38 36.88 -5.41 -7.66
N ILE B 39 37.11 -6.71 -7.65
CA ILE B 39 38.05 -7.39 -8.54
C ILE B 39 37.26 -8.28 -9.48
N ILE B 40 37.42 -8.06 -10.78
CA ILE B 40 36.69 -8.84 -11.79
C ILE B 40 37.70 -9.43 -12.77
N ASP B 41 37.75 -10.76 -12.82
CA ASP B 41 38.65 -11.48 -13.70
C ASP B 41 38.04 -11.44 -15.10
N LYS B 42 38.67 -10.68 -16.01
CA LYS B 42 38.14 -10.47 -17.36
C LYS B 42 38.20 -11.71 -18.23
N THR B 43 39.10 -12.65 -17.91
CA THR B 43 39.15 -13.88 -18.68
C THR B 43 37.91 -14.76 -18.52
N GLN B 44 37.07 -14.49 -17.52
CA GLN B 44 35.85 -15.24 -17.31
C GLN B 44 34.64 -14.58 -17.96
N LEU B 45 34.85 -13.49 -18.69
CA LEU B 45 33.78 -12.79 -19.38
C LEU B 45 33.95 -12.94 -20.89
N ASN B 46 32.81 -13.05 -21.58
CA ASN B 46 32.74 -13.00 -23.03
C ASN B 46 32.87 -11.56 -23.50
N PRO B 47 33.15 -11.34 -24.79
CA PRO B 47 33.30 -9.96 -25.26
C PRO B 47 32.06 -9.09 -25.09
N THR B 48 30.85 -9.66 -25.17
CA THR B 48 29.65 -8.88 -24.88
C THR B 48 29.58 -8.48 -23.41
N SER B 49 29.89 -9.41 -22.49
CA SER B 49 29.84 -9.05 -21.07
C SER B 49 30.89 -8.01 -20.72
N LEU B 50 32.07 -8.08 -21.35
CA LEU B 50 33.09 -7.08 -21.09
C LEU B 50 32.68 -5.70 -21.59
N GLN B 51 32.07 -5.62 -22.78
CA GLN B 51 31.57 -4.35 -23.28
C GLN B 51 30.50 -3.79 -22.36
N LYS B 52 29.68 -4.67 -21.79
CA LYS B 52 28.66 -4.27 -20.83
C LYS B 52 29.30 -3.72 -19.55
N LEU B 53 30.24 -4.47 -18.97
CA LEU B 53 30.93 -3.99 -17.77
C LEU B 53 31.49 -2.60 -17.96
N PHE B 54 32.09 -2.33 -19.12
CA PHE B 54 32.71 -1.02 -19.31
C PHE B 54 31.66 0.09 -19.43
N ARG B 55 30.52 -0.17 -20.07
CA ARG B 55 29.43 0.81 -20.05
C ARG B 55 28.97 1.12 -18.62
N GLU B 56 28.89 0.10 -17.76
CA GLU B 56 28.40 0.29 -16.40
C GLU B 56 29.42 0.97 -15.49
N VAL B 57 30.72 0.72 -15.70
CA VAL B 57 31.73 1.53 -15.04
C VAL B 57 31.56 3.01 -15.44
N ARG B 58 31.26 3.27 -16.73
CA ARG B 58 31.07 4.65 -17.17
C ARG B 58 29.90 5.30 -16.46
N ILE B 59 28.84 4.54 -16.21
CA ILE B 59 27.70 5.04 -15.46
C ILE B 59 28.08 5.28 -13.99
N MET B 60 28.80 4.34 -13.39
CA MET B 60 29.34 4.57 -12.05
C MET B 60 30.10 5.90 -11.93
N LYS B 61 30.81 6.30 -12.97
CA LYS B 61 31.54 7.55 -12.89
C LYS B 61 30.62 8.77 -12.90
N ILE B 62 29.39 8.64 -13.42
CA ILE B 62 28.49 9.80 -13.43
C ILE B 62 27.62 9.90 -12.18
N LEU B 63 27.60 8.89 -11.30
CA LEU B 63 26.75 8.92 -10.11
C LEU B 63 27.57 9.45 -8.94
N ASN B 64 27.29 10.68 -8.51
CA ASN B 64 28.04 11.35 -7.43
C ASN B 64 27.01 11.88 -6.43
N HIS B 65 26.74 11.09 -5.39
CA HIS B 65 25.73 11.36 -4.39
C HIS B 65 26.30 10.85 -3.08
N PRO B 66 26.13 11.59 -1.98
CA PRO B 66 26.77 11.19 -0.70
C PRO B 66 26.28 9.87 -0.10
N ASN B 67 25.17 9.31 -0.57
CA ASN B 67 24.67 8.04 -0.04
C ASN B 67 24.72 6.93 -1.08
N ILE B 68 25.52 7.15 -2.13
CA ILE B 68 25.85 6.13 -3.12
C ILE B 68 27.35 5.86 -3.03
N VAL B 69 27.73 4.59 -2.92
CA VAL B 69 29.13 4.17 -2.90
C VAL B 69 29.87 4.79 -4.09
N LYS B 70 30.90 5.59 -3.80
CA LYS B 70 31.55 6.40 -4.83
C LYS B 70 32.79 5.69 -5.38
N LEU B 71 33.01 5.79 -6.69
CA LEU B 71 34.21 5.29 -7.34
C LEU B 71 35.38 6.27 -7.13
N PHE B 72 36.53 5.74 -6.77
CA PHE B 72 37.75 6.52 -6.63
C PHE B 72 38.71 6.34 -7.81
N GLU B 73 38.90 5.12 -8.27
CA GLU B 73 39.98 4.81 -9.16
C GLU B 73 39.64 3.53 -9.90
N VAL B 74 40.11 3.45 -11.14
CA VAL B 74 40.04 2.25 -11.94
C VAL B 74 41.45 1.82 -12.29
N ILE B 75 41.76 0.56 -12.04
CA ILE B 75 43.01 -0.04 -12.51
C ILE B 75 42.66 -1.22 -13.38
N GLU B 76 43.24 -1.26 -14.59
CA GLU B 76 42.95 -2.35 -15.51
C GLU B 76 44.26 -2.95 -16.01
N THR B 77 44.41 -4.25 -15.79
CA THR B 77 45.50 -5.03 -16.33
C THR B 77 44.97 -5.84 -17.52
N GLU B 78 45.87 -6.62 -18.15
CA GLU B 78 45.43 -7.45 -19.27
C GLU B 78 44.30 -8.39 -18.85
N LYS B 79 44.38 -8.95 -17.64
CA LYS B 79 43.47 -10.00 -17.18
C LYS B 79 42.41 -9.55 -16.17
N THR B 80 42.61 -8.41 -15.49
CA THR B 80 41.78 -8.07 -14.34
C THR B 80 41.33 -6.61 -14.38
N LEU B 81 40.13 -6.37 -13.91
CA LEU B 81 39.64 -5.03 -13.70
C LEU B 81 39.46 -4.81 -12.20
N TYR B 82 40.07 -3.73 -11.70
CA TYR B 82 39.97 -3.34 -10.29
C TYR B 82 39.21 -2.04 -10.18
N LEU B 83 38.13 -2.05 -9.41
CA LEU B 83 37.35 -0.85 -9.18
C LEU B 83 37.52 -0.47 -7.70
N ILE B 84 38.21 0.65 -7.48
CA ILE B 84 38.47 1.13 -6.13
C ILE B 84 37.36 2.09 -5.74
N MET B 85 36.68 1.78 -4.66
CA MET B 85 35.51 2.52 -4.29
C MET B 85 35.44 2.71 -2.78
N GLU B 86 34.49 3.54 -2.39
CA GLU B 86 34.31 3.94 -1.00
C GLU B 86 34.02 2.72 -0.14
N TYR B 87 34.63 2.66 1.03
CA TYR B 87 34.42 1.56 1.95
C TYR B 87 33.41 2.00 3.01
N ALA B 88 32.40 1.16 3.25
CA ALA B 88 31.37 1.46 4.25
C ALA B 88 31.67 0.59 5.46
N SER B 89 32.37 1.16 6.45
CA SER B 89 32.92 0.34 7.54
C SER B 89 31.85 -0.24 8.43
N GLY B 90 30.63 0.33 8.45
CA GLY B 90 29.57 -0.22 9.26
C GLY B 90 28.91 -1.48 8.72
N GLY B 91 29.15 -1.87 7.47
CA GLY B 91 28.52 -3.09 6.98
C GLY B 91 27.06 -2.89 6.62
N GLU B 92 26.33 -4.00 6.59
CA GLU B 92 24.94 -4.00 6.14
C GLU B 92 24.02 -3.34 7.19
N VAL B 93 23.07 -2.55 6.71
CA VAL B 93 22.03 -2.06 7.60
C VAL B 93 21.39 -3.23 8.33
N PHE B 94 21.17 -4.33 7.60
CA PHE B 94 20.51 -5.52 8.15
C PHE B 94 21.19 -5.97 9.42
N ASP B 95 22.53 -6.04 9.41
CA ASP B 95 23.18 -6.49 10.64
C ASP B 95 23.04 -5.47 11.75
N TYR B 96 22.99 -4.18 11.42
CA TYR B 96 22.75 -3.18 12.45
C TYR B 96 21.36 -3.33 13.07
N LEU B 97 20.38 -3.73 12.25
CA LEU B 97 19.04 -3.94 12.79
C LEU B 97 19.02 -5.15 13.74
N VAL B 98 19.70 -6.23 13.36
CA VAL B 98 19.87 -7.37 14.26
C VAL B 98 20.57 -6.94 15.55
N ALA B 99 21.60 -6.10 15.45
CA ALA B 99 22.36 -5.72 16.63
C ALA B 99 21.51 -4.90 17.61
N HIS B 100 20.83 -3.87 17.12
CA HIS B 100 20.16 -2.92 18.01
C HIS B 100 18.64 -2.94 17.90
N GLY B 101 18.05 -3.82 17.08
CA GLY B 101 16.61 -3.84 16.98
C GLY B 101 16.13 -2.75 16.02
N ARG B 102 14.81 -2.61 15.92
CA ARG B 102 14.28 -1.58 15.02
C ARG B 102 14.87 -0.20 15.34
N MET B 103 14.96 0.64 14.32
CA MET B 103 15.23 2.05 14.55
C MET B 103 13.98 2.78 15.03
N LYS B 104 14.18 3.72 15.96
CA LYS B 104 13.09 4.63 16.29
C LYS B 104 12.73 5.44 15.06
N GLU B 105 11.50 5.95 15.00
CA GLU B 105 11.06 6.57 13.74
C GLU B 105 11.94 7.77 13.37
N LYS B 106 12.49 8.46 14.36
CA LYS B 106 13.39 9.58 14.07
C LYS B 106 14.66 9.11 13.37
N GLU B 107 15.33 8.08 13.90
CA GLU B 107 16.50 7.57 13.21
C GLU B 107 16.14 6.99 11.84
N ALA B 108 15.03 6.24 11.76
CA ALA B 108 14.63 5.62 10.51
C ALA B 108 14.31 6.67 9.44
N ARG B 109 13.66 7.76 9.84
CA ARG B 109 13.37 8.85 8.91
C ARG B 109 14.65 9.46 8.33
N SER B 110 15.63 9.77 9.19
CA SER B 110 16.84 10.39 8.65
C SER B 110 17.57 9.45 7.71
N LYS B 111 17.61 8.14 7.99
CA LYS B 111 18.22 7.22 7.04
C LYS B 111 17.38 7.09 5.76
N PHE B 112 16.05 7.04 5.92
CA PHE B 112 15.20 6.86 4.76
C PHE B 112 15.20 8.10 3.88
N ARG B 113 15.41 9.29 4.45
CA ARG B 113 15.58 10.48 3.61
C ARG B 113 16.83 10.35 2.76
N GLN B 114 17.93 9.87 3.34
CA GLN B 114 19.14 9.61 2.56
C GLN B 114 18.86 8.61 1.46
N ILE B 115 18.14 7.53 1.78
CA ILE B 115 17.88 6.49 0.80
C ILE B 115 17.00 7.00 -0.33
N VAL B 116 15.90 7.69 0.00
CA VAL B 116 15.02 8.22 -1.05
C VAL B 116 15.75 9.23 -1.93
N SER B 117 16.56 10.10 -1.31
CA SER B 117 17.34 11.06 -2.10
C SER B 117 18.24 10.35 -3.11
N ALA B 118 18.97 9.32 -2.66
CA ALA B 118 19.90 8.63 -3.54
C ALA B 118 19.16 7.95 -4.69
N VAL B 119 18.05 7.29 -4.38
CA VAL B 119 17.36 6.56 -5.44
C VAL B 119 16.76 7.52 -6.46
N GLN B 120 16.16 8.63 -5.99
CA GLN B 120 15.56 9.61 -6.91
C GLN B 120 16.63 10.23 -7.80
N TYR B 121 17.79 10.52 -7.22
CA TYR B 121 18.88 11.10 -7.98
C TYR B 121 19.29 10.21 -9.12
N CYS B 122 19.39 8.91 -8.87
CA CYS B 122 19.71 7.97 -9.93
C CYS B 122 18.58 7.89 -10.96
N HIS B 123 17.33 7.78 -10.49
CA HIS B 123 16.19 7.75 -11.40
C HIS B 123 16.17 8.96 -12.32
N GLN B 124 16.46 10.13 -11.76
CA GLN B 124 16.51 11.35 -12.56
C GLN B 124 17.49 11.20 -13.72
N LYS B 125 18.58 10.45 -13.51
CA LYS B 125 19.57 10.18 -14.54
C LYS B 125 19.29 8.88 -15.31
N ARG B 126 18.04 8.41 -15.26
CA ARG B 126 17.59 7.22 -15.99
C ARG B 126 18.31 5.95 -15.56
N ILE B 127 18.76 5.87 -14.30
CA ILE B 127 19.38 4.65 -13.79
C ILE B 127 18.48 4.07 -12.70
N VAL B 128 18.02 2.85 -12.90
CA VAL B 128 17.17 2.12 -11.97
C VAL B 128 17.99 0.98 -11.41
N HIS B 129 17.90 0.79 -10.08
CA HIS B 129 18.75 -0.22 -9.46
C HIS B 129 18.28 -1.63 -9.83
N ARG B 130 17.01 -1.94 -9.54
CA ARG B 130 16.30 -3.19 -9.80
C ARG B 130 16.59 -4.27 -8.76
N ASP B 131 17.59 -4.12 -7.89
CA ASP B 131 17.90 -5.16 -6.92
C ASP B 131 18.33 -4.56 -5.59
N LEU B 132 17.58 -3.58 -5.10
CA LEU B 132 17.85 -3.03 -3.78
C LEU B 132 17.54 -4.08 -2.74
N LYS B 133 18.50 -4.35 -1.86
CA LYS B 133 18.37 -5.49 -0.94
C LYS B 133 19.29 -5.31 0.27
N ALA B 134 19.33 -6.33 1.13
CA ALA B 134 20.12 -6.24 2.36
C ALA B 134 21.59 -6.06 2.03
N GLU B 135 22.07 -6.76 1.00
CA GLU B 135 23.50 -6.85 0.76
C GLU B 135 24.09 -5.56 0.19
N ASN B 136 23.28 -4.66 -0.36
CA ASN B 136 23.86 -3.43 -0.91
C ASN B 136 23.31 -2.19 -0.20
N LEU B 137 22.71 -2.36 0.98
CA LEU B 137 22.34 -1.21 1.80
C LEU B 137 23.32 -1.17 2.98
N LEU B 138 24.30 -0.27 2.91
CA LEU B 138 25.43 -0.27 3.83
C LEU B 138 25.45 1.01 4.67
N LEU B 139 26.32 1.00 5.68
CA LEU B 139 26.49 2.07 6.65
C LEU B 139 27.98 2.40 6.69
N ASP B 140 28.29 3.69 6.71
CA ASP B 140 29.67 4.11 6.87
C ASP B 140 29.97 4.32 8.36
N ALA B 141 31.17 4.82 8.65
CA ALA B 141 31.62 4.98 10.03
C ALA B 141 30.78 5.98 10.81
N ASP B 142 30.09 6.91 10.12
CA ASP B 142 29.23 7.91 10.74
C ASP B 142 27.75 7.52 10.67
N MET B 143 27.48 6.25 10.35
CA MET B 143 26.14 5.70 10.26
C MET B 143 25.31 6.33 9.12
N ASN B 144 25.97 6.91 8.11
CA ASN B 144 25.29 7.34 6.88
C ASN B 144 25.08 6.16 5.94
N ILE B 145 23.94 6.19 5.24
CA ILE B 145 23.64 5.17 4.25
C ILE B 145 24.62 5.27 3.10
N LYS B 146 25.10 4.12 2.64
CA LYS B 146 25.84 4.00 1.39
C LYS B 146 25.23 2.87 0.59
N ILE B 147 24.67 3.17 -0.60
CA ILE B 147 24.05 2.15 -1.45
C ILE B 147 25.04 1.70 -2.51
N ALA B 148 25.24 0.40 -2.64
CA ALA B 148 26.14 -0.13 -3.66
C ALA B 148 25.39 -0.67 -4.88
N ASP B 149 26.15 -0.74 -6.00
CA ASP B 149 25.82 -1.42 -7.26
C ASP B 149 24.73 -0.77 -8.08
N PHE B 150 24.40 0.50 -7.82
CA PHE B 150 23.57 1.23 -8.77
C PHE B 150 24.21 1.21 -10.15
N GLY B 151 23.45 0.75 -11.13
CA GLY B 151 23.93 0.70 -12.50
C GLY B 151 24.66 -0.55 -12.90
N PHE B 152 24.83 -1.54 -12.01
CA PHE B 152 25.59 -2.74 -12.33
C PHE B 152 24.68 -3.94 -12.53
N SER B 153 24.90 -4.66 -13.62
CA SER B 153 24.21 -5.92 -13.83
C SER B 153 24.57 -6.90 -12.71
N ASN B 154 23.66 -7.86 -12.51
CA ASN B 154 23.79 -8.80 -11.39
C ASN B 154 25.09 -9.59 -11.43
N GLU B 155 25.55 -9.97 -12.63
CA GLU B 155 26.76 -10.77 -12.74
C GLU B 155 28.03 -10.04 -12.31
N PHE B 156 27.96 -8.73 -12.03
CA PHE B 156 29.12 -7.98 -11.55
C PHE B 156 29.00 -7.59 -10.09
N THR B 157 28.12 -8.26 -9.34
CA THR B 157 27.83 -7.90 -7.96
C THR B 157 28.04 -9.11 -7.05
N VAL B 158 28.09 -8.84 -5.75
CA VAL B 158 28.28 -9.90 -4.79
C VAL B 158 26.91 -10.41 -4.28
N SER B 168 16.77 -10.55 -4.80
CA SER B 168 16.53 -11.01 -3.42
C SER B 168 15.03 -11.07 -3.20
N PRO B 169 14.51 -12.27 -3.06
CA PRO B 169 13.06 -12.46 -3.09
C PRO B 169 12.32 -11.60 -2.08
N PRO B 170 12.80 -11.41 -0.84
CA PRO B 170 12.03 -10.56 0.09
C PRO B 170 11.85 -9.12 -0.37
N TYR B 171 12.76 -8.59 -1.22
CA TYR B 171 12.74 -7.21 -1.65
C TYR B 171 12.23 -7.01 -3.08
N ALA B 172 12.14 -8.08 -3.87
CA ALA B 172 11.96 -7.93 -5.33
C ALA B 172 10.52 -7.55 -5.64
N ALA B 173 10.35 -6.65 -6.59
CA ALA B 173 9.01 -6.21 -6.92
C ALA B 173 8.19 -7.39 -7.42
N PRO B 174 6.89 -7.45 -7.10
CA PRO B 174 6.03 -8.56 -7.55
C PRO B 174 6.06 -8.81 -9.06
N GLU B 175 6.14 -7.75 -9.87
CA GLU B 175 6.16 -7.91 -11.32
C GLU B 175 7.40 -8.68 -11.80
N LEU B 176 8.35 -8.95 -10.91
CA LEU B 176 9.45 -9.85 -11.26
C LEU B 176 9.10 -11.22 -10.67
N GLY B 184 11.74 -0.45 -15.13
CA GLY B 184 11.42 0.93 -14.80
C GLY B 184 11.51 1.26 -13.31
N PRO B 185 11.37 2.54 -12.97
CA PRO B 185 11.61 2.98 -11.57
C PRO B 185 10.63 2.41 -10.54
N GLU B 186 9.43 1.99 -10.96
CA GLU B 186 8.45 1.45 -10.03
C GLU B 186 8.94 0.22 -9.29
N VAL B 187 9.80 -0.60 -9.92
CA VAL B 187 10.36 -1.76 -9.21
C VAL B 187 11.21 -1.31 -8.00
N ASP B 188 11.95 -0.21 -8.14
CA ASP B 188 12.70 0.30 -6.98
C ASP B 188 11.76 0.84 -5.90
N VAL B 189 10.65 1.45 -6.31
CA VAL B 189 9.71 1.99 -5.32
C VAL B 189 9.16 0.88 -4.43
N TRP B 190 8.79 -0.27 -5.00
CA TRP B 190 8.39 -1.40 -4.14
C TRP B 190 9.51 -1.74 -3.14
N SER B 191 10.72 -1.97 -3.66
CA SER B 191 11.84 -2.35 -2.80
C SER B 191 12.04 -1.32 -1.68
N LEU B 192 11.87 -0.03 -1.98
CA LEU B 192 12.00 1.00 -0.94
C LEU B 192 10.96 0.83 0.18
N GLY B 193 9.76 0.39 -0.16
CA GLY B 193 8.76 0.13 0.88
C GLY B 193 9.15 -1.02 1.78
N VAL B 194 9.73 -2.05 1.19
CA VAL B 194 10.27 -3.15 1.98
C VAL B 194 11.35 -2.61 2.90
N ILE B 195 12.25 -1.79 2.37
CA ILE B 195 13.34 -1.23 3.17
C ILE B 195 12.78 -0.41 4.32
N LEU B 196 11.84 0.48 4.03
CA LEU B 196 11.25 1.29 5.08
C LEU B 196 10.67 0.42 6.18
N TYR B 197 9.94 -0.64 5.78
CA TYR B 197 9.33 -1.52 6.77
C TYR B 197 10.39 -2.15 7.64
N THR B 198 11.51 -2.59 7.04
CA THR B 198 12.58 -3.18 7.85
C THR B 198 13.17 -2.18 8.84
N LEU B 199 13.33 -0.92 8.43
CA LEU B 199 13.94 0.07 9.31
C LEU B 199 13.09 0.31 10.55
N VAL B 200 11.77 0.45 10.37
CA VAL B 200 10.90 0.81 11.47
C VAL B 200 10.44 -0.40 12.30
N SER B 201 10.46 -1.61 11.73
CA SER B 201 9.99 -2.81 12.41
C SER B 201 11.11 -3.75 12.87
N GLY B 202 12.28 -3.70 12.24
CA GLY B 202 13.34 -4.66 12.44
C GLY B 202 13.16 -5.98 11.73
N SER B 203 12.11 -6.15 10.94
CA SER B 203 11.86 -7.42 10.27
C SER B 203 11.30 -7.15 8.86
N LEU B 204 11.19 -8.24 8.04
CA LEU B 204 10.67 -8.12 6.68
C LEU B 204 9.14 -8.14 6.66
N PRO B 205 8.52 -7.39 5.77
CA PRO B 205 7.04 -7.40 5.71
C PRO B 205 6.49 -8.70 5.14
N PHE B 206 7.22 -9.37 4.24
CA PHE B 206 6.77 -10.59 3.59
C PHE B 206 7.82 -11.68 3.77
N ASP B 207 7.40 -12.82 4.30
CA ASP B 207 8.28 -13.93 4.64
C ASP B 207 7.52 -15.22 4.40
N GLY B 208 8.24 -16.34 4.48
CA GLY B 208 7.62 -17.65 4.33
C GLY B 208 8.60 -18.74 4.71
N GLN B 209 8.05 -19.95 4.87
CA GLN B 209 8.92 -21.11 5.09
C GLN B 209 9.59 -21.56 3.79
N ASN B 210 9.08 -21.14 2.64
CA ASN B 210 9.69 -21.41 1.35
C ASN B 210 9.33 -20.26 0.40
N LEU B 211 9.95 -20.29 -0.79
CA LEU B 211 9.71 -19.23 -1.76
C LEU B 211 8.26 -19.23 -2.24
N LYS B 212 7.62 -20.40 -2.34
CA LYS B 212 6.22 -20.42 -2.72
C LYS B 212 5.35 -19.69 -1.70
N GLU B 213 5.62 -19.88 -0.40
CA GLU B 213 4.86 -19.15 0.61
C GLU B 213 5.18 -17.68 0.61
N LEU B 214 6.45 -17.32 0.43
CA LEU B 214 6.80 -15.92 0.28
C LEU B 214 6.03 -15.30 -0.87
N ARG B 215 6.01 -15.99 -2.02
CA ARG B 215 5.29 -15.49 -3.19
C ARG B 215 3.84 -15.22 -2.85
N GLU B 216 3.17 -16.18 -2.19
CA GLU B 216 1.75 -15.99 -1.89
C GLU B 216 1.52 -14.77 -1.01
N ARG B 217 2.39 -14.56 -0.03
CA ARG B 217 2.21 -13.41 0.85
C ARG B 217 2.45 -12.11 0.10
N VAL B 218 3.49 -12.07 -0.74
CA VAL B 218 3.75 -10.89 -1.56
C VAL B 218 2.56 -10.58 -2.46
N LEU B 219 2.04 -11.60 -3.15
CA LEU B 219 0.92 -11.38 -4.07
C LEU B 219 -0.35 -10.99 -3.33
N ARG B 220 -0.51 -11.43 -2.08
CA ARG B 220 -1.65 -11.01 -1.27
C ARG B 220 -1.53 -9.57 -0.77
N GLY B 221 -0.32 -9.03 -0.68
CA GLY B 221 -0.11 -7.63 -0.37
C GLY B 221 -0.30 -7.24 1.08
N LYS B 222 -0.49 -8.20 1.99
CA LYS B 222 -0.81 -7.92 3.38
C LYS B 222 0.44 -8.06 4.26
N TYR B 223 0.67 -7.07 5.10
CA TYR B 223 1.80 -7.04 6.01
C TYR B 223 1.29 -6.46 7.32
N ARG B 224 1.99 -6.79 8.42
CA ARG B 224 1.48 -6.49 9.75
C ARG B 224 1.95 -5.10 10.21
N ILE B 225 1.03 -4.33 10.77
CA ILE B 225 1.32 -3.00 11.32
C ILE B 225 1.41 -3.14 12.85
N PRO B 226 2.60 -3.10 13.44
CA PRO B 226 2.69 -3.23 14.90
C PRO B 226 2.10 -2.01 15.60
N PHE B 227 1.74 -2.22 16.88
CA PHE B 227 1.10 -1.18 17.67
C PHE B 227 1.92 0.11 17.73
N TYR B 228 3.25 0.02 17.60
CA TYR B 228 4.13 1.16 17.80
C TYR B 228 4.33 2.00 16.53
N MET B 229 3.85 1.52 15.38
CA MET B 229 3.93 2.27 14.13
C MET B 229 2.92 3.41 14.08
N SER B 230 3.37 4.61 13.73
CA SER B 230 2.46 5.76 13.66
C SER B 230 1.51 5.61 12.48
N THR B 231 0.42 6.37 12.53
CA THR B 231 -0.48 6.48 11.39
C THR B 231 0.24 6.97 10.14
N ASP B 232 1.02 8.04 10.29
CA ASP B 232 1.70 8.61 9.14
C ASP B 232 2.70 7.62 8.54
N CYS B 233 3.36 6.83 9.39
CA CYS B 233 4.26 5.81 8.85
C CYS B 233 3.49 4.76 8.07
N GLU B 234 2.35 4.32 8.61
CA GLU B 234 1.54 3.34 7.91
C GLU B 234 1.04 3.92 6.58
N ASN B 235 0.65 5.19 6.57
CA ASN B 235 0.21 5.80 5.32
C ASN B 235 1.34 5.86 4.29
N LEU B 236 2.56 6.19 4.74
CA LEU B 236 3.69 6.22 3.83
C LEU B 236 3.94 4.87 3.20
N LEU B 237 3.88 3.80 4.00
CA LEU B 237 4.12 2.46 3.47
C LEU B 237 3.15 2.13 2.35
N LYS B 238 1.92 2.63 2.43
CA LYS B 238 0.92 2.36 1.40
C LYS B 238 1.28 2.96 0.05
N ARG B 239 2.12 4.01 -0.01
CA ARG B 239 2.52 4.56 -1.30
C ARG B 239 3.56 3.69 -2.02
N PHE B 240 4.31 2.85 -1.30
CA PHE B 240 5.31 1.98 -1.91
C PHE B 240 4.78 0.58 -2.20
N LEU B 241 4.13 -0.04 -1.21
CA LEU B 241 3.81 -1.47 -1.28
C LEU B 241 2.40 -1.68 -1.84
N VAL B 242 2.25 -1.29 -3.10
CA VAL B 242 1.04 -1.48 -3.89
C VAL B 242 1.34 -2.52 -4.94
N LEU B 243 0.44 -3.50 -5.08
CA LEU B 243 0.67 -4.58 -6.03
C LEU B 243 0.70 -4.05 -7.47
N ASN B 244 -0.26 -3.23 -7.82
CA ASN B 244 -0.24 -2.63 -9.14
C ASN B 244 0.88 -1.60 -9.27
N PRO B 245 1.90 -1.86 -10.10
CA PRO B 245 3.03 -0.93 -10.15
C PRO B 245 2.64 0.44 -10.69
N ILE B 246 1.60 0.50 -11.52
CA ILE B 246 1.12 1.79 -12.00
C ILE B 246 0.57 2.63 -10.86
N LYS B 247 0.08 1.97 -9.79
CA LYS B 247 -0.55 2.64 -8.67
C LYS B 247 0.41 3.02 -7.55
N ARG B 248 1.70 2.70 -7.65
CA ARG B 248 2.64 3.16 -6.64
C ARG B 248 2.91 4.63 -6.81
N GLY B 249 3.08 5.34 -5.69
CA GLY B 249 3.48 6.73 -5.79
C GLY B 249 4.82 6.87 -6.50
N THR B 250 5.01 8.05 -7.07
CA THR B 250 6.31 8.39 -7.63
C THR B 250 7.20 8.93 -6.53
N LEU B 251 8.52 8.86 -6.75
CA LEU B 251 9.43 9.35 -5.73
C LEU B 251 9.30 10.86 -5.57
N GLU B 252 8.92 11.57 -6.64
CA GLU B 252 8.59 12.99 -6.51
C GLU B 252 7.39 13.22 -5.59
N GLN B 253 6.41 12.31 -5.59
CA GLN B 253 5.29 12.40 -4.66
C GLN B 253 5.72 12.07 -3.26
N ILE B 254 6.42 10.94 -3.09
CA ILE B 254 6.78 10.46 -1.76
C ILE B 254 7.68 11.45 -1.05
N MET B 255 8.45 12.21 -1.82
CA MET B 255 9.36 13.19 -1.25
C MET B 255 8.59 14.27 -0.49
N LYS B 256 7.32 14.48 -0.84
CA LYS B 256 6.49 15.47 -0.15
C LYS B 256 5.67 14.87 0.98
N ASP B 257 5.81 13.57 1.25
CA ASP B 257 4.97 12.88 2.23
C ASP B 257 5.14 13.44 3.64
N ARG B 258 4.06 13.39 4.41
CA ARG B 258 4.04 13.97 5.75
C ARG B 258 5.08 13.32 6.68
N TRP B 259 5.06 12.00 6.79
CA TRP B 259 6.04 11.30 7.62
C TRP B 259 7.47 11.63 7.21
N ILE B 260 7.73 11.63 5.90
CA ILE B 260 9.09 11.83 5.40
C ILE B 260 9.64 13.17 5.88
N ASN B 261 8.78 14.19 5.97
CA ASN B 261 9.20 15.54 6.32
C ASN B 261 8.81 15.96 7.73
N ALA B 262 8.38 15.04 8.58
CA ALA B 262 8.08 15.40 9.96
C ALA B 262 9.35 15.88 10.66
N GLY B 263 9.27 17.05 11.29
CA GLY B 263 10.45 17.61 11.92
C GLY B 263 11.42 18.26 10.95
N HIS B 264 11.02 18.42 9.70
CA HIS B 264 11.79 19.07 8.64
C HIS B 264 10.95 20.15 7.99
N GLU B 265 10.30 20.96 8.83
CA GLU B 265 9.27 21.88 8.36
C GLU B 265 9.80 22.87 7.33
N GLU B 266 11.00 23.40 7.55
CA GLU B 266 11.64 24.29 6.59
C GLU B 266 12.57 23.55 5.63
N ASP B 267 12.49 22.23 5.60
CA ASP B 267 13.51 21.40 4.99
C ASP B 267 12.86 20.23 4.24
N GLU B 268 11.85 20.52 3.42
CA GLU B 268 11.19 19.47 2.67
C GLU B 268 12.19 18.75 1.78
N LEU B 269 12.12 17.42 1.77
CA LEU B 269 13.01 16.60 0.93
C LEU B 269 12.80 16.94 -0.54
N LYS B 270 13.88 17.20 -1.24
CA LYS B 270 13.85 17.63 -2.63
C LYS B 270 14.87 16.83 -3.42
N PRO B 271 14.70 16.74 -4.74
CA PRO B 271 15.73 16.10 -5.57
C PRO B 271 17.10 16.70 -5.29
N PHE B 272 18.09 15.84 -5.11
CA PHE B 272 19.45 16.26 -4.81
C PHE B 272 19.99 17.10 -5.95
N VAL B 273 20.78 18.11 -5.60
CA VAL B 273 21.49 18.95 -6.54
C VAL B 273 22.96 18.79 -6.19
N GLU B 274 23.71 18.15 -7.07
CA GLU B 274 25.10 17.90 -6.76
C GLU B 274 25.88 19.22 -6.73
N PRO B 275 26.70 19.45 -5.72
CA PRO B 275 27.57 20.63 -5.73
C PRO B 275 28.68 20.45 -6.75
N GLU B 276 29.27 21.58 -7.15
CA GLU B 276 30.48 21.55 -7.96
C GLU B 276 31.65 21.08 -7.10
N LEU B 277 32.45 20.15 -7.65
CA LEU B 277 33.56 19.56 -6.90
C LEU B 277 34.70 20.56 -6.82
N ASP B 278 35.19 20.79 -5.60
CA ASP B 278 36.31 21.70 -5.36
C ASP B 278 37.61 20.98 -5.71
N ILE B 279 38.21 21.32 -6.85
CA ILE B 279 39.42 20.68 -7.30
C ILE B 279 40.66 21.57 -7.08
N SER B 280 40.58 22.58 -6.20
CA SER B 280 41.67 23.54 -6.03
C SER B 280 42.20 23.61 -4.60
N ASP B 281 41.94 22.60 -3.76
CA ASP B 281 42.43 22.60 -2.38
C ASP B 281 43.94 22.49 -2.38
N GLN B 282 44.64 23.60 -2.11
CA GLN B 282 46.10 23.62 -2.22
C GLN B 282 46.77 22.88 -1.08
N LYS B 283 46.12 22.78 0.08
CA LYS B 283 46.65 21.92 1.14
C LYS B 283 46.79 20.48 0.64
N ARG B 284 45.74 19.97 0.01
CA ARG B 284 45.81 18.61 -0.48
C ARG B 284 46.75 18.52 -1.68
N ILE B 285 46.78 19.54 -2.54
CA ILE B 285 47.67 19.48 -3.68
C ILE B 285 49.13 19.51 -3.23
N ASP B 286 49.44 20.34 -2.20
CA ASP B 286 50.79 20.35 -1.63
C ASP B 286 51.19 18.99 -1.07
N ILE B 287 50.25 18.30 -0.42
CA ILE B 287 50.56 16.95 0.05
C ILE B 287 50.92 16.05 -1.13
N MET B 288 50.16 16.16 -2.22
CA MET B 288 50.43 15.25 -3.33
C MET B 288 51.67 15.64 -4.11
N VAL B 289 52.04 16.93 -4.13
CA VAL B 289 53.34 17.32 -4.67
C VAL B 289 54.45 16.68 -3.85
N GLY B 290 54.31 16.69 -2.52
CA GLY B 290 55.28 15.99 -1.67
C GLY B 290 55.35 14.52 -1.98
N MET B 291 54.22 13.94 -2.40
CA MET B 291 54.16 12.54 -2.77
C MET B 291 54.85 12.23 -4.10
N GLY B 292 55.18 13.24 -4.90
CA GLY B 292 55.85 13.02 -6.17
C GLY B 292 55.06 13.35 -7.42
N TYR B 293 53.80 13.75 -7.28
CA TYR B 293 53.04 14.23 -8.42
C TYR B 293 53.37 15.70 -8.66
N SER B 294 53.34 16.12 -9.92
CA SER B 294 53.52 17.52 -10.24
C SER B 294 52.18 18.27 -10.15
N GLN B 295 52.27 19.56 -9.80
CA GLN B 295 51.09 20.41 -9.73
C GLN B 295 50.27 20.36 -11.04
N GLU B 296 50.95 20.27 -12.18
CA GLU B 296 50.27 20.32 -13.47
C GLU B 296 49.54 19.01 -13.77
N GLU B 297 50.14 17.86 -13.50
CA GLU B 297 49.40 16.63 -13.76
C GLU B 297 48.25 16.48 -12.78
N ILE B 298 48.41 17.01 -11.56
CA ILE B 298 47.30 17.00 -10.62
C ILE B 298 46.13 17.79 -11.17
N GLN B 299 46.37 19.03 -11.60
CA GLN B 299 45.29 19.85 -12.17
C GLN B 299 44.68 19.18 -13.39
N GLU B 300 45.51 18.55 -14.23
CA GLU B 300 44.97 17.88 -15.42
C GLU B 300 44.10 16.68 -15.03
N SER B 301 44.58 15.80 -14.13
CA SER B 301 43.80 14.61 -13.76
C SER B 301 42.46 14.99 -13.15
N LEU B 302 42.45 16.00 -12.27
CA LEU B 302 41.22 16.43 -11.63
C LEU B 302 40.26 17.09 -12.63
N SER B 303 40.75 18.06 -13.41
CA SER B 303 39.87 18.79 -14.32
C SER B 303 39.26 17.85 -15.37
N LYS B 304 40.04 16.90 -15.87
CA LYS B 304 39.51 15.87 -16.77
C LYS B 304 38.82 14.73 -16.02
N MET B 305 38.84 14.73 -14.68
CA MET B 305 38.23 13.69 -13.82
C MET B 305 38.57 12.30 -14.33
N LYS B 306 39.87 11.98 -14.28
CA LYS B 306 40.43 10.81 -14.94
C LYS B 306 40.21 9.51 -14.17
N TYR B 307 39.68 9.57 -12.94
CA TYR B 307 39.55 8.41 -12.03
C TYR B 307 40.82 7.59 -12.03
N ASP B 308 41.92 8.27 -11.72
CA ASP B 308 43.24 7.67 -11.77
C ASP B 308 43.91 7.79 -10.40
N GLU B 309 45.17 7.41 -10.34
CA GLU B 309 45.83 7.35 -9.05
C GLU B 309 45.83 8.72 -8.37
N ILE B 310 45.72 9.79 -9.16
CA ILE B 310 45.78 11.14 -8.62
C ILE B 310 44.42 11.59 -8.09
N THR B 311 43.33 11.42 -8.87
CA THR B 311 42.04 11.89 -8.34
C THR B 311 41.64 11.10 -7.10
N ALA B 312 41.94 9.81 -7.07
CA ALA B 312 41.68 9.00 -5.88
C ALA B 312 42.39 9.56 -4.66
N THR B 313 43.69 9.84 -4.79
CA THR B 313 44.44 10.39 -3.65
C THR B 313 43.83 11.71 -3.19
N TYR B 314 43.53 12.59 -4.15
CA TYR B 314 42.92 13.88 -3.82
C TYR B 314 41.68 13.69 -2.96
N LEU B 315 40.77 12.82 -3.42
CA LEU B 315 39.53 12.57 -2.68
C LEU B 315 39.81 11.90 -1.34
N LEU B 316 40.66 10.87 -1.34
CA LEU B 316 40.93 10.17 -0.07
C LEU B 316 41.60 11.09 0.94
N LEU B 317 42.30 12.11 0.48
CA LEU B 317 42.82 13.11 1.42
C LEU B 317 41.70 13.95 2.01
N GLY B 318 40.52 13.97 1.41
CA GLY B 318 39.44 14.80 1.89
C GLY B 318 38.59 14.17 2.97
C19 V5E C . -16.96 7.90 3.53
C18 V5E C . -18.61 6.72 2.83
C17 V5E C . -18.27 6.20 4.04
C16 V5E C . -18.84 5.06 4.83
C15 V5E C . -18.09 4.81 6.12
C14 V5E C . -17.55 2.42 6.25
C13 V5E C . -12.92 2.87 3.11
C12 V5E C . -8.69 5.00 1.92
C11 V5E C . -7.81 4.17 2.83
C10 V5E C . -9.16 4.53 4.64
C9 V5E C . -10.13 5.38 3.87
C8 V5E C . -10.89 3.90 2.05
C7 V5E C . -12.33 3.97 2.51
C6 V5E C . -13.06 5.15 2.41
C5 V5E C . -14.36 5.21 2.89
C4 V5E C . -14.93 4.12 3.51
C3 V5E C . -14.21 2.94 3.64
C2 V5E C . -15.83 1.54 5.00
C1 V5E C . -16.96 0.10 6.34
N V5E C . -15.99 0.28 5.44
C V5E C . -17.76 1.14 6.77
O V5E C . -7.84 4.68 4.17
N1 V5E C . -14.71 1.78 4.28
N2 V5E C . -10.08 5.07 2.43
N3 V5E C . -16.57 2.61 5.35
N4 V5E C . -18.32 3.46 6.62
N5 V5E C . -17.80 7.78 2.51
N6 V5E C . -17.21 6.98 4.48
BR V5E C . -19.16 0.83 7.99
C1 EDO D . -1.00 -8.93 16.53
O1 EDO D . -2.00 -9.06 15.54
C2 EDO D . -1.65 -8.88 17.93
O2 EDO D . -2.34 -7.63 17.93
C1 EDO E . -18.80 -13.24 27.70
O1 EDO E . -18.11 -13.80 28.79
C2 EDO E . -17.81 -12.37 26.82
O2 EDO E . -17.48 -11.24 27.63
C19 V5E F . 28.91 -8.62 2.23
C18 V5E F . 27.40 -7.21 1.62
C17 V5E F . 28.55 -6.83 0.99
C16 V5E F . 28.84 -5.68 0.06
C15 V5E F . 30.30 -5.63 -0.29
C14 V5E F . 31.05 -3.32 0.05
C13 V5E F . 31.68 -3.89 5.57
C12 V5E F . 33.55 -7.10 7.27
C11 V5E F . 34.97 -6.58 7.45
C10 V5E F . 34.57 -5.94 9.63
C9 V5E F . 33.12 -6.39 9.57
C8 V5E F . 32.29 -5.04 7.72
C7 V5E F . 31.53 -4.98 6.40
C6 V5E F . 30.73 -6.05 5.97
C5 V5E F . 30.14 -6.02 4.71
C4 V5E F . 30.36 -4.94 3.86
C3 V5E F . 31.16 -3.89 4.29
C2 V5E F . 31.41 -2.51 2.16
C1 V5E F . 31.92 -1.12 0.44
N V5E F . 31.86 -1.31 1.77
C V5E F . 31.53 -2.10 -0.45
O V5E F . 35.41 -6.74 8.79
N1 V5E F . 31.56 -2.80 3.49
N2 V5E F . 32.62 -6.39 8.18
N3 V5E F . 31.00 -3.52 1.37
N4 V5E F . 30.67 -4.31 -0.79
N5 V5E F . 27.63 -8.33 2.39
N6 V5E F . 29.51 -7.74 1.39
BR V5E F . 31.59 -1.80 -2.31
C1 EDO G . 50.76 5.86 6.42
O1 EDO G . 49.33 5.76 6.28
C2 EDO G . 51.42 5.81 5.00
O2 EDO G . 51.02 4.56 4.45
#